data_6Y1C
#
_entry.id   6Y1C
#
_cell.length_a   55.760
_cell.length_b   81.090
_cell.length_c   113.130
_cell.angle_alpha   90.000
_cell.angle_beta   90.000
_cell.angle_gamma   90.000
#
_symmetry.space_group_name_H-M   'P 21 2 21'
#
loop_
_entity.id
_entity.type
_entity.pdbx_description
1 polymer 'R-specific alcohol dehydrogenase'
2 non-polymer DI(HYDROXYETHYL)ETHER
3 non-polymer 'TETRAETHYLENE GLYCOL'
4 non-polymer 1,2-ETHANEDIOL
5 non-polymer 'MAGNESIUM ION'
6 non-polymer 'CHLORIDE ION'
7 non-polymer 'TRIETHYLENE GLYCOL'
8 water water
#
_entity_poly.entity_id   1
_entity_poly.type   'polypeptide(L)'
_entity_poly.pdbx_seq_one_letter_code
;MGHHHHHHGSGSNRLDGKVAIITGGTLGIGLAIATKFVEEGAKVMITGRHSDVGEKAAKSVGTPFQIQFFQHDSSDEDGW
TKLFDATEKAFGPVSTLVNNAGIAVNKSVEETTTAEWRKLLAVNLDGVFFGTRLGIQRMKNKGLGASIINMSSIEGFVGD
PSLGAYNASKGAVRIMSKSAALDCALKDYDVRVNTVHPGYIKTPLVDDLPGAEEAMSQRTKTPMGHIGEPNDIAYICVYL
ASNESKFATGSEFVVDGGYTAQ
;
_entity_poly.pdbx_strand_id   A,B
#
loop_
_chem_comp.id
_chem_comp.type
_chem_comp.name
_chem_comp.formula
CL non-polymer 'CHLORIDE ION' 'Cl -1'
EDO non-polymer 1,2-ETHANEDIOL 'C2 H6 O2'
MG non-polymer 'MAGNESIUM ION' 'Mg 2'
PEG non-polymer DI(HYDROXYETHYL)ETHER 'C4 H10 O3'
PG4 non-polymer 'TETRAETHYLENE GLYCOL' 'C8 H18 O5'
PGE non-polymer 'TRIETHYLENE GLYCOL' 'C6 H14 O4'
#
# COMPACT_ATOMS: atom_id res chain seq x y z
N SER A 12 -18.59 -27.32 16.18
N SER A 12 -20.11 -26.82 14.03
CA SER A 12 -19.70 -26.70 15.40
CA SER A 12 -19.35 -26.50 15.27
C SER A 12 -20.19 -25.42 16.10
C SER A 12 -19.94 -25.27 15.98
N ASN A 13 -20.89 -24.57 15.35
CA ASN A 13 -21.50 -23.30 15.83
C ASN A 13 -20.40 -22.30 16.19
N ARG A 14 -19.27 -22.29 15.48
CA ARG A 14 -18.13 -21.42 15.85
C ARG A 14 -18.46 -19.95 15.58
N LEU A 15 -19.48 -19.65 14.76
CA LEU A 15 -19.88 -18.26 14.44
C LEU A 15 -21.32 -18.01 14.88
N ASP A 16 -21.72 -18.63 15.99
CA ASP A 16 -23.06 -18.46 16.61
C ASP A 16 -23.41 -16.96 16.66
N GLY A 17 -24.54 -16.58 16.09
CA GLY A 17 -25.10 -15.21 16.19
C GLY A 17 -24.43 -14.20 15.29
N LYS A 18 -23.35 -14.56 14.58
CA LYS A 18 -22.63 -13.57 13.74
C LYS A 18 -23.46 -13.24 12.49
N VAL A 19 -23.28 -12.03 11.99
CA VAL A 19 -23.90 -11.53 10.73
C VAL A 19 -22.75 -11.00 9.89
N ALA A 20 -22.48 -11.64 8.76
CA ALA A 20 -21.28 -11.34 7.95
C ALA A 20 -21.66 -10.78 6.58
N ILE A 21 -20.88 -9.81 6.13
CA ILE A 21 -20.85 -9.38 4.70
C ILE A 21 -19.55 -9.90 4.12
N ILE A 22 -19.63 -10.56 2.97
CA ILE A 22 -18.44 -11.06 2.24
C ILE A 22 -18.50 -10.48 0.83
N THR A 23 -17.59 -9.56 0.53
CA THR A 23 -17.53 -8.98 -0.83
C THR A 23 -16.86 -9.97 -1.78
N GLY A 24 -17.32 -9.99 -3.02
CA GLY A 24 -16.86 -11.01 -3.99
C GLY A 24 -17.11 -12.40 -3.43
N GLY A 25 -18.27 -12.58 -2.79
CA GLY A 25 -18.63 -13.84 -2.11
C GLY A 25 -19.32 -14.83 -3.02
N THR A 26 -19.43 -14.55 -4.33
CA THR A 26 -20.27 -15.36 -5.25
C THR A 26 -19.44 -16.43 -5.98
N LEU A 27 -18.11 -16.38 -5.88
CA LEU A 27 -17.17 -17.26 -6.62
C LEU A 27 -15.97 -17.62 -5.73
N GLY A 28 -15.33 -18.74 -6.01
CA GLY A 28 -13.96 -19.07 -5.56
C GLY A 28 -13.79 -18.91 -4.07
N ILE A 29 -12.78 -18.17 -3.65
CA ILE A 29 -12.43 -17.99 -2.22
C ILE A 29 -13.62 -17.41 -1.46
N GLY A 30 -14.23 -16.32 -1.96
CA GLY A 30 -15.37 -15.68 -1.27
C GLY A 30 -16.53 -16.65 -1.05
N LEU A 31 -16.84 -17.45 -2.07
CA LEU A 31 -17.93 -18.46 -1.97
C LEU A 31 -17.59 -19.50 -0.89
N ALA A 32 -16.36 -19.97 -0.83
CA ALA A 32 -15.92 -20.95 0.20
C ALA A 32 -16.07 -20.33 1.58
N ILE A 33 -15.64 -19.08 1.76
CA ILE A 33 -15.78 -18.39 3.08
C ILE A 33 -17.27 -18.37 3.41
N ALA A 34 -18.11 -17.97 2.47
CA ALA A 34 -19.56 -17.84 2.72
C ALA A 34 -20.11 -19.20 3.15
N THR A 35 -19.71 -20.26 2.43
CA THR A 35 -20.20 -21.63 2.66
C THR A 35 -19.83 -22.06 4.10
N LYS A 36 -18.57 -21.91 4.47
CA LYS A 36 -18.13 -22.30 5.83
C LYS A 36 -18.75 -21.39 6.89
N PHE A 37 -18.95 -20.11 6.58
CA PHE A 37 -19.56 -19.18 7.57
C PHE A 37 -20.98 -19.67 7.88
N VAL A 38 -21.78 -19.99 6.85
CA VAL A 38 -23.16 -20.49 7.05
C VAL A 38 -23.12 -21.81 7.85
N GLU A 39 -22.18 -22.70 7.51
N GLU A 39 -22.16 -22.69 7.51
CA GLU A 39 -22.01 -23.99 8.21
CA GLU A 39 -21.99 -24.00 8.20
C GLU A 39 -21.79 -23.74 9.72
C GLU A 39 -21.70 -23.79 9.70
N GLU A 40 -21.05 -22.68 10.07
CA GLU A 40 -20.67 -22.38 11.47
C GLU A 40 -21.70 -21.46 12.14
N GLY A 41 -22.84 -21.22 11.50
CA GLY A 41 -23.99 -20.58 12.16
C GLY A 41 -24.12 -19.09 11.87
N ALA A 42 -23.26 -18.52 11.01
CA ALA A 42 -23.38 -17.10 10.64
C ALA A 42 -24.52 -16.90 9.63
N LYS A 43 -25.12 -15.72 9.68
CA LYS A 43 -25.99 -15.21 8.58
C LYS A 43 -25.06 -14.40 7.67
N VAL A 44 -25.21 -14.57 6.37
CA VAL A 44 -24.24 -14.04 5.38
C VAL A 44 -24.94 -13.26 4.28
N MET A 45 -24.44 -12.07 3.98
CA MET A 45 -24.75 -11.35 2.72
C MET A 45 -23.51 -11.41 1.85
N ILE A 46 -23.61 -12.07 0.69
CA ILE A 46 -22.50 -12.12 -0.30
C ILE A 46 -22.76 -11.05 -1.34
N THR A 47 -21.69 -10.44 -1.84
CA THR A 47 -21.81 -9.44 -2.93
C THR A 47 -21.07 -9.95 -4.18
N GLY A 48 -21.49 -9.40 -5.30
CA GLY A 48 -20.78 -9.59 -6.58
C GLY A 48 -21.43 -8.70 -7.62
N ARG A 49 -20.80 -8.60 -8.79
CA ARG A 49 -21.25 -7.67 -9.85
C ARG A 49 -22.42 -8.26 -10.65
N HIS A 50 -22.60 -9.58 -10.64
CA HIS A 50 -23.50 -10.27 -11.61
C HIS A 50 -24.61 -11.02 -10.86
N SER A 51 -25.87 -10.59 -11.01
N SER A 51 -25.87 -10.60 -11.06
CA SER A 51 -27.00 -11.18 -10.25
CA SER A 51 -27.05 -11.11 -10.33
C SER A 51 -27.23 -12.63 -10.69
C SER A 51 -27.34 -12.57 -10.74
N ASP A 52 -26.97 -12.96 -11.96
CA ASP A 52 -27.09 -14.36 -12.44
C ASP A 52 -26.24 -15.26 -11.55
N VAL A 53 -24.98 -14.89 -11.32
CA VAL A 53 -24.02 -15.69 -10.53
C VAL A 53 -24.44 -15.61 -9.04
N GLY A 54 -24.74 -14.41 -8.56
CA GLY A 54 -24.97 -14.17 -7.13
C GLY A 54 -26.21 -14.88 -6.61
N GLU A 55 -27.33 -14.82 -7.33
CA GLU A 55 -28.59 -15.43 -6.82
C GLU A 55 -28.41 -16.95 -6.82
N LYS A 56 -27.80 -17.52 -7.86
CA LYS A 56 -27.50 -18.97 -7.92
C LYS A 56 -26.59 -19.34 -6.74
N ALA A 57 -25.57 -18.53 -6.45
CA ALA A 57 -24.58 -18.86 -5.40
C ALA A 57 -25.28 -18.86 -4.04
N ALA A 58 -26.08 -17.85 -3.72
CA ALA A 58 -26.77 -17.80 -2.41
C ALA A 58 -27.64 -19.05 -2.26
N LYS A 59 -28.45 -19.38 -3.28
CA LYS A 59 -29.39 -20.54 -3.19
C LYS A 59 -28.59 -21.84 -3.04
N SER A 60 -27.40 -21.93 -3.64
CA SER A 60 -26.56 -23.16 -3.58
C SER A 60 -26.08 -23.42 -2.15
N VAL A 61 -25.96 -22.38 -1.33
CA VAL A 61 -25.38 -22.49 0.03
C VAL A 61 -26.47 -22.70 1.06
N GLY A 62 -27.59 -21.97 0.97
CA GLY A 62 -28.60 -21.99 2.03
C GLY A 62 -29.89 -21.30 1.67
N THR A 63 -30.76 -21.17 2.65
CA THR A 63 -32.05 -20.47 2.52
C THR A 63 -31.80 -18.97 2.70
N PRO A 64 -32.76 -18.12 2.28
CA PRO A 64 -32.63 -16.68 2.47
C PRO A 64 -32.59 -16.24 3.94
N PHE A 65 -32.91 -17.14 4.87
CA PHE A 65 -32.73 -16.85 6.33
C PHE A 65 -31.28 -17.09 6.76
N GLN A 66 -30.49 -17.75 5.91
CA GLN A 66 -29.07 -18.10 6.18
C GLN A 66 -28.16 -17.19 5.37
N ILE A 67 -28.51 -16.95 4.11
CA ILE A 67 -27.59 -16.30 3.13
C ILE A 67 -28.41 -15.62 2.04
N GLN A 68 -28.01 -14.40 1.68
CA GLN A 68 -28.61 -13.65 0.57
C GLN A 68 -27.47 -13.05 -0.26
N PHE A 69 -27.82 -12.59 -1.45
CA PHE A 69 -26.93 -11.87 -2.38
C PHE A 69 -27.37 -10.41 -2.46
N PHE A 70 -26.36 -9.53 -2.53
CA PHE A 70 -26.56 -8.10 -2.83
C PHE A 70 -25.61 -7.70 -3.96
N GLN A 71 -26.17 -7.21 -5.06
CA GLN A 71 -25.35 -6.80 -6.23
C GLN A 71 -24.61 -5.50 -5.89
N HIS A 72 -23.30 -5.46 -6.13
CA HIS A 72 -22.40 -4.38 -5.68
C HIS A 72 -21.04 -4.52 -6.34
N ASP A 73 -20.54 -3.39 -6.80
CA ASP A 73 -19.11 -3.17 -7.14
C ASP A 73 -18.47 -2.51 -5.90
N SER A 74 -17.43 -3.11 -5.34
N SER A 74 -17.41 -3.11 -5.36
CA SER A 74 -16.81 -2.62 -4.08
CA SER A 74 -16.76 -2.64 -4.10
C SER A 74 -16.26 -1.20 -4.28
C SER A 74 -16.18 -1.24 -4.28
N SER A 75 -16.00 -0.76 -5.52
CA SER A 75 -15.53 0.61 -5.80
C SER A 75 -16.65 1.63 -5.56
N ASP A 76 -17.90 1.19 -5.41
CA ASP A 76 -19.12 2.06 -5.36
C ASP A 76 -19.42 2.48 -3.92
N GLU A 77 -19.03 3.69 -3.55
CA GLU A 77 -19.13 4.21 -2.17
C GLU A 77 -20.60 4.23 -1.72
N ASP A 78 -21.50 4.78 -2.55
CA ASP A 78 -22.95 4.87 -2.18
C ASP A 78 -23.53 3.46 -1.98
N GLY A 79 -23.11 2.50 -2.79
CA GLY A 79 -23.57 1.10 -2.72
C GLY A 79 -23.19 0.45 -1.41
N TRP A 80 -22.06 0.83 -0.82
CA TRP A 80 -21.62 0.30 0.49
C TRP A 80 -22.66 0.62 1.57
N THR A 81 -23.20 1.84 1.58
CA THR A 81 -24.26 2.24 2.53
C THR A 81 -25.48 1.32 2.31
N LYS A 82 -25.91 1.17 1.07
CA LYS A 82 -27.09 0.35 0.74
C LYS A 82 -26.83 -1.11 1.15
N LEU A 83 -25.61 -1.60 1.00
CA LEU A 83 -25.26 -3.00 1.34
C LEU A 83 -25.40 -3.22 2.85
N PHE A 84 -24.84 -2.33 3.67
CA PHE A 84 -24.99 -2.46 5.14
C PHE A 84 -26.47 -2.33 5.50
N ASP A 85 -27.20 -1.39 4.89
CA ASP A 85 -28.64 -1.21 5.19
C ASP A 85 -29.40 -2.52 4.87
N ALA A 86 -29.15 -3.11 3.72
CA ALA A 86 -29.86 -4.34 3.27
C ALA A 86 -29.50 -5.49 4.21
N THR A 87 -28.26 -5.59 4.65
CA THR A 87 -27.80 -6.71 5.50
C THR A 87 -28.50 -6.59 6.86
N GLU A 88 -28.53 -5.39 7.42
CA GLU A 88 -29.17 -5.14 8.73
C GLU A 88 -30.66 -5.51 8.64
N LYS A 89 -31.32 -5.11 7.55
N LYS A 89 -31.32 -5.11 7.55
CA LYS A 89 -32.77 -5.37 7.35
CA LYS A 89 -32.77 -5.37 7.35
C LYS A 89 -33.02 -6.88 7.32
N ALA A 90 -32.15 -7.62 6.65
CA ALA A 90 -32.32 -9.08 6.47
C ALA A 90 -31.98 -9.82 7.76
N PHE A 91 -30.89 -9.45 8.43
CA PHE A 91 -30.24 -10.34 9.42
C PHE A 91 -29.99 -9.67 10.77
N GLY A 92 -30.19 -8.35 10.88
CA GLY A 92 -29.85 -7.56 12.08
C GLY A 92 -28.43 -7.02 12.00
N PRO A 93 -27.95 -6.37 13.07
CA PRO A 93 -26.67 -5.66 13.01
C PRO A 93 -25.51 -6.53 12.55
N VAL A 94 -24.72 -5.96 11.65
CA VAL A 94 -23.56 -6.65 11.04
C VAL A 94 -22.46 -6.75 12.10
N SER A 95 -21.87 -7.92 12.27
CA SER A 95 -20.74 -8.18 13.21
C SER A 95 -19.43 -8.38 12.45
N THR A 96 -19.49 -8.75 11.19
CA THR A 96 -18.32 -9.34 10.50
C THR A 96 -18.26 -8.84 9.06
N LEU A 97 -17.10 -8.37 8.62
CA LEU A 97 -16.93 -7.95 7.21
C LEU A 97 -15.68 -8.62 6.66
N VAL A 98 -15.83 -9.29 5.53
CA VAL A 98 -14.69 -9.85 4.77
C VAL A 98 -14.59 -9.05 3.48
N ASN A 99 -13.53 -8.24 3.39
CA ASN A 99 -13.24 -7.46 2.16
C ASN A 99 -12.42 -8.35 1.22
N ASN A 100 -13.12 -9.11 0.40
CA ASN A 100 -12.50 -10.15 -0.44
C ASN A 100 -12.51 -9.71 -1.91
N ALA A 101 -13.40 -8.82 -2.33
CA ALA A 101 -13.52 -8.45 -3.75
C ALA A 101 -12.19 -7.86 -4.23
N GLY A 102 -11.73 -8.30 -5.39
CA GLY A 102 -10.47 -7.81 -5.94
C GLY A 102 -10.34 -8.11 -7.42
N ILE A 103 -9.54 -7.32 -8.10
CA ILE A 103 -9.21 -7.59 -9.52
C ILE A 103 -7.69 -7.52 -9.68
N ALA A 104 -7.19 -8.07 -10.77
CA ALA A 104 -5.76 -8.10 -11.09
C ALA A 104 -5.58 -7.54 -12.49
N VAL A 105 -4.49 -6.81 -12.67
CA VAL A 105 -3.97 -6.37 -13.98
C VAL A 105 -2.60 -7.04 -14.11
C VAL A 105 -2.64 -7.10 -14.20
N ASN A 106 -2.34 -7.71 -15.22
N ASN A 106 -2.48 -7.72 -15.37
CA ASN A 106 -1.11 -8.52 -15.36
CA ASN A 106 -1.24 -8.45 -15.74
C ASN A 106 -0.10 -7.65 -16.11
C ASN A 106 -0.29 -7.44 -16.40
N LYS A 107 0.26 -6.51 -15.52
N LYS A 107 0.29 -6.55 -15.60
CA LYS A 107 1.23 -5.53 -16.09
CA LYS A 107 1.25 -5.53 -16.10
C LYS A 107 2.31 -5.21 -15.04
N SER A 108 3.52 -5.02 -15.49
CA SER A 108 4.56 -4.38 -14.66
C SER A 108 4.13 -2.94 -14.34
N VAL A 109 4.75 -2.33 -13.34
CA VAL A 109 4.57 -0.88 -13.08
C VAL A 109 4.85 -0.11 -14.38
N GLU A 110 5.95 -0.44 -15.06
CA GLU A 110 6.38 0.26 -16.29
C GLU A 110 5.25 0.26 -17.35
N GLU A 111 4.55 -0.86 -17.48
N GLU A 111 4.56 -0.87 -17.54
CA GLU A 111 3.60 -1.13 -18.58
CA GLU A 111 3.57 -1.02 -18.65
C GLU A 111 2.16 -0.81 -18.17
C GLU A 111 2.14 -0.93 -18.12
N THR A 112 1.92 -0.39 -16.92
CA THR A 112 0.56 -0.14 -16.39
C THR A 112 0.04 1.18 -16.98
N THR A 113 -1.11 1.17 -17.65
CA THR A 113 -1.75 2.43 -18.12
C THR A 113 -2.40 3.11 -16.92
N THR A 114 -2.62 4.42 -17.03
CA THR A 114 -3.28 5.14 -15.92
C THR A 114 -4.69 4.59 -15.74
N ALA A 115 -5.39 4.23 -16.82
CA ALA A 115 -6.78 3.73 -16.69
C ALA A 115 -6.75 2.42 -15.90
N GLU A 116 -5.78 1.55 -16.17
CA GLU A 116 -5.62 0.24 -15.46
C GLU A 116 -5.34 0.52 -13.97
N TRP A 117 -4.40 1.41 -13.70
CA TRP A 117 -4.06 1.83 -12.32
C TRP A 117 -5.32 2.27 -11.58
N ARG A 118 -6.06 3.22 -12.12
CA ARG A 118 -7.21 3.82 -11.42
C ARG A 118 -8.29 2.74 -11.22
N LYS A 119 -8.52 1.90 -12.22
CA LYS A 119 -9.56 0.84 -12.14
C LYS A 119 -9.21 -0.14 -11.02
N LEU A 120 -7.96 -0.59 -10.97
CA LEU A 120 -7.56 -1.60 -9.95
C LEU A 120 -7.60 -0.96 -8.56
N LEU A 121 -7.07 0.25 -8.38
CA LEU A 121 -7.09 0.87 -7.04
C LEU A 121 -8.54 1.12 -6.61
N ALA A 122 -9.46 1.43 -7.54
CA ALA A 122 -10.87 1.70 -7.17
C ALA A 122 -11.46 0.48 -6.47
N VAL A 123 -11.19 -0.72 -6.98
CA VAL A 123 -11.74 -1.97 -6.39
C VAL A 123 -10.90 -2.39 -5.17
N ASN A 124 -9.60 -2.55 -5.36
CA ASN A 124 -8.72 -3.26 -4.39
C ASN A 124 -8.34 -2.37 -3.22
N LEU A 125 -8.31 -1.05 -3.41
CA LEU A 125 -7.87 -0.16 -2.32
C LEU A 125 -9.03 0.71 -1.87
N ASP A 126 -9.62 1.52 -2.75
CA ASP A 126 -10.81 2.34 -2.37
C ASP A 126 -11.87 1.41 -1.77
N GLY A 127 -12.16 0.27 -2.39
CA GLY A 127 -13.27 -0.58 -1.90
C GLY A 127 -12.97 -1.09 -0.50
N VAL A 128 -11.71 -1.44 -0.21
CA VAL A 128 -11.35 -1.96 1.13
C VAL A 128 -11.41 -0.80 2.14
N PHE A 129 -10.98 0.39 1.74
CA PHE A 129 -11.13 1.59 2.58
C PHE A 129 -12.61 1.86 2.87
N PHE A 130 -13.46 1.91 1.85
CA PHE A 130 -14.90 2.21 2.06
C PHE A 130 -15.48 1.17 3.02
N GLY A 131 -15.18 -0.11 2.79
CA GLY A 131 -15.72 -1.20 3.63
C GLY A 131 -15.24 -1.12 5.07
N THR A 132 -13.95 -0.92 5.25
CA THR A 132 -13.33 -0.86 6.59
C THR A 132 -13.91 0.35 7.35
N ARG A 133 -13.93 1.52 6.74
CA ARG A 133 -14.41 2.77 7.37
C ARG A 133 -15.86 2.55 7.80
N LEU A 134 -16.70 2.10 6.89
CA LEU A 134 -18.16 1.91 7.18
C LEU A 134 -18.32 0.80 8.24
N GLY A 135 -17.56 -0.27 8.10
CA GLY A 135 -17.55 -1.38 9.08
C GLY A 135 -17.29 -0.86 10.48
N ILE A 136 -16.25 -0.06 10.66
CA ILE A 136 -15.94 0.49 12.00
C ILE A 136 -17.14 1.32 12.49
N GLN A 137 -17.65 2.20 11.64
CA GLN A 137 -18.74 3.14 12.02
C GLN A 137 -19.97 2.33 12.47
N ARG A 138 -20.29 1.24 11.75
CA ARG A 138 -21.55 0.47 11.96
C ARG A 138 -21.41 -0.58 13.07
C ARG A 138 -21.36 -0.54 13.10
N MET A 139 -20.19 -1.07 13.35
N MET A 139 -20.15 -1.07 13.27
CA MET A 139 -20.03 -2.24 14.24
CA MET A 139 -19.87 -2.21 14.19
C MET A 139 -19.35 -1.87 15.57
C MET A 139 -19.53 -1.72 15.60
N LYS A 140 -18.87 -0.62 15.72
N LYS A 140 -18.84 -0.59 15.72
CA LYS A 140 -18.23 -0.17 16.99
CA LYS A 140 -18.24 -0.16 17.00
C LYS A 140 -19.28 -0.12 18.11
N ASN A 141 -18.85 -0.48 19.31
CA ASN A 141 -19.59 -0.21 20.58
C ASN A 141 -20.93 -0.94 20.62
N LYS A 142 -21.06 -2.11 20.00
CA LYS A 142 -22.32 -2.88 20.02
C LYS A 142 -22.15 -4.26 20.68
N GLY A 143 -20.98 -4.55 21.24
CA GLY A 143 -20.72 -5.83 21.94
C GLY A 143 -20.90 -7.02 21.02
N LEU A 144 -20.65 -6.83 19.73
CA LEU A 144 -20.86 -7.88 18.70
C LEU A 144 -19.64 -8.81 18.58
N GLY A 145 -18.51 -8.50 19.22
CA GLY A 145 -17.26 -9.20 18.91
C GLY A 145 -16.92 -9.01 17.44
N ALA A 146 -16.94 -7.76 16.99
CA ALA A 146 -16.91 -7.45 15.54
C ALA A 146 -15.51 -7.71 15.01
N SER A 147 -15.46 -8.07 13.74
CA SER A 147 -14.21 -8.53 13.08
C SER A 147 -14.27 -8.12 11.62
N ILE A 148 -13.25 -7.38 11.19
CA ILE A 148 -13.02 -7.01 9.78
C ILE A 148 -11.80 -7.79 9.31
N ILE A 149 -12.01 -8.57 8.26
CA ILE A 149 -10.97 -9.43 7.65
C ILE A 149 -10.72 -8.87 6.27
N ASN A 150 -9.50 -8.37 6.06
N ASN A 150 -9.56 -8.23 6.07
CA ASN A 150 -9.05 -7.79 4.76
CA ASN A 150 -9.19 -7.62 4.78
C ASN A 150 -8.16 -8.78 4.03
C ASN A 150 -8.29 -8.57 4.00
N MET A 151 -8.55 -9.12 2.81
N MET A 151 -8.76 -9.03 2.85
CA MET A 151 -7.75 -9.97 1.91
CA MET A 151 -7.98 -9.97 2.01
C MET A 151 -6.61 -9.10 1.37
C MET A 151 -6.87 -9.20 1.32
N SER A 152 -5.36 -9.48 1.66
N SER A 152 -5.66 -9.29 1.88
CA SER A 152 -4.19 -8.58 1.48
CA SER A 152 -4.41 -8.92 1.18
C SER A 152 -3.06 -9.31 0.74
C SER A 152 -3.98 -10.13 0.35
N SER A 153 -3.27 -10.57 0.35
N SER A 153 -2.74 -10.57 0.45
CA SER A 153 -2.45 -11.30 -0.66
CA SER A 153 -2.15 -11.56 -0.48
C SER A 153 -1.02 -11.56 -0.18
C SER A 153 -0.69 -11.79 -0.14
N ILE A 154 -0.36 -12.61 -0.66
N ILE A 154 -0.10 -12.85 -0.68
CA ILE A 154 1.13 -12.72 -0.57
CA ILE A 154 1.38 -12.91 -0.80
C ILE A 154 1.76 -11.53 -1.30
C ILE A 154 1.87 -11.60 -1.41
N GLU A 155 1.06 -10.97 -2.28
CA GLU A 155 1.50 -9.75 -3.02
C GLU A 155 1.46 -8.51 -2.13
N GLY A 156 1.01 -8.62 -0.89
CA GLY A 156 1.16 -7.59 0.14
C GLY A 156 2.50 -7.68 0.85
N PHE A 157 3.23 -8.78 0.67
CA PHE A 157 4.53 -9.04 1.35
C PHE A 157 5.69 -8.96 0.35
N VAL A 158 5.52 -9.53 -0.83
CA VAL A 158 6.62 -9.60 -1.83
C VAL A 158 6.11 -8.99 -3.13
N GLY A 159 7.04 -8.51 -3.93
CA GLY A 159 6.72 -7.99 -5.26
C GLY A 159 6.55 -9.11 -6.26
N ASP A 160 5.84 -8.81 -7.34
CA ASP A 160 5.79 -9.64 -8.56
C ASP A 160 6.00 -8.68 -9.70
N PRO A 161 6.99 -8.97 -10.59
CA PRO A 161 7.33 -8.03 -11.64
C PRO A 161 6.17 -7.67 -12.57
N SER A 162 5.16 -8.55 -12.68
CA SER A 162 4.01 -8.37 -13.61
C SER A 162 2.71 -8.12 -12.84
N LEU A 163 2.79 -7.62 -11.60
CA LEU A 163 1.58 -7.29 -10.80
C LEU A 163 1.76 -5.93 -10.09
N GLY A 164 2.24 -4.91 -10.79
CA GLY A 164 2.65 -3.66 -10.13
C GLY A 164 1.53 -3.00 -9.37
N ALA A 165 0.40 -2.76 -10.02
CA ALA A 165 -0.74 -2.06 -9.40
C ALA A 165 -1.30 -2.96 -8.29
N TYR A 166 -1.37 -4.26 -8.55
CA TYR A 166 -1.89 -5.24 -7.55
C TYR A 166 -1.04 -5.15 -6.27
N ASN A 167 0.28 -5.20 -6.41
CA ASN A 167 1.23 -5.09 -5.28
C ASN A 167 0.95 -3.77 -4.52
N ALA A 168 0.79 -2.66 -5.23
CA ALA A 168 0.50 -1.36 -4.58
C ALA A 168 -0.77 -1.53 -3.73
N SER A 169 -1.81 -2.12 -4.29
CA SER A 169 -3.12 -2.19 -3.60
C SER A 169 -2.98 -3.08 -2.35
N LYS A 170 -2.23 -4.18 -2.44
CA LYS A 170 -2.18 -5.18 -1.34
C LYS A 170 -1.26 -4.68 -0.23
N GLY A 171 -0.18 -3.98 -0.58
CA GLY A 171 0.65 -3.35 0.46
C GLY A 171 -0.14 -2.28 1.20
N ALA A 172 -0.97 -1.52 0.49
CA ALA A 172 -1.82 -0.49 1.10
C ALA A 172 -2.77 -1.15 2.09
N VAL A 173 -3.46 -2.21 1.68
CA VAL A 173 -4.46 -2.88 2.55
C VAL A 173 -3.74 -3.41 3.80
N ARG A 174 -2.56 -3.96 3.63
CA ARG A 174 -1.78 -4.56 4.74
C ARG A 174 -1.58 -3.52 5.85
N ILE A 175 -1.11 -2.33 5.49
CA ILE A 175 -0.70 -1.34 6.53
C ILE A 175 -1.92 -0.51 6.96
C ILE A 175 -1.92 -0.51 6.96
N MET A 176 -2.83 -0.19 6.04
CA MET A 176 -4.09 0.50 6.41
C MET A 176 -4.84 -0.30 7.47
N SER A 177 -4.86 -1.62 7.34
N SER A 177 -4.86 -1.62 7.34
CA SER A 177 -5.56 -2.53 8.28
CA SER A 177 -5.56 -2.53 8.28
C SER A 177 -4.94 -2.39 9.68
N LYS A 178 -3.61 -2.25 9.77
CA LYS A 178 -2.93 -2.07 11.09
C LYS A 178 -3.39 -0.75 11.71
N SER A 179 -3.48 0.30 10.91
CA SER A 179 -3.97 1.61 11.39
C SER A 179 -5.36 1.45 12.02
N ALA A 180 -6.27 0.83 11.28
CA ALA A 180 -7.66 0.63 11.73
C ALA A 180 -7.68 -0.27 12.97
N ALA A 181 -6.90 -1.34 12.99
CA ALA A 181 -6.81 -2.25 14.16
C ALA A 181 -6.44 -1.44 15.39
N LEU A 182 -5.44 -0.57 15.27
CA LEU A 182 -4.92 0.16 16.44
C LEU A 182 -5.97 1.15 16.92
N ASP A 183 -6.58 1.92 16.01
CA ASP A 183 -7.58 2.93 16.42
C ASP A 183 -8.74 2.22 17.13
N CYS A 184 -9.24 1.10 16.59
CA CYS A 184 -10.37 0.36 17.21
C CYS A 184 -9.98 -0.18 18.58
N ALA A 185 -8.73 -0.68 18.74
CA ALA A 185 -8.25 -1.23 20.02
C ALA A 185 -8.12 -0.08 21.04
N LEU A 186 -7.50 1.03 20.65
CA LEU A 186 -7.22 2.14 21.57
C LEU A 186 -8.52 2.81 22.01
N LYS A 187 -9.55 2.77 21.17
CA LYS A 187 -10.84 3.45 21.45
C LYS A 187 -11.83 2.45 22.08
N ASP A 188 -11.40 1.21 22.33
CA ASP A 188 -12.26 0.15 22.94
C ASP A 188 -13.55 -0.01 22.13
N TYR A 189 -13.44 -0.05 20.81
CA TYR A 189 -14.61 -0.16 19.89
C TYR A 189 -15.20 -1.58 19.82
N ASP A 190 -14.52 -2.60 20.33
CA ASP A 190 -14.94 -4.03 20.17
C ASP A 190 -14.99 -4.35 18.67
N VAL A 191 -13.99 -3.89 17.94
CA VAL A 191 -13.78 -4.20 16.51
C VAL A 191 -12.32 -4.62 16.34
N ARG A 192 -12.08 -5.78 15.76
CA ARG A 192 -10.73 -6.25 15.39
C ARG A 192 -10.58 -6.12 13.88
N VAL A 193 -9.35 -5.87 13.44
CA VAL A 193 -9.05 -5.78 11.99
C VAL A 193 -7.78 -6.59 11.77
N ASN A 194 -7.83 -7.51 10.83
CA ASN A 194 -6.68 -8.39 10.51
C ASN A 194 -6.66 -8.59 9.00
N THR A 195 -5.50 -9.01 8.50
CA THR A 195 -5.36 -9.32 7.06
C THR A 195 -5.09 -10.80 6.89
N VAL A 196 -5.61 -11.33 5.80
CA VAL A 196 -5.33 -12.71 5.35
C VAL A 196 -4.60 -12.61 4.02
N HIS A 197 -3.56 -13.41 3.88
CA HIS A 197 -2.66 -13.33 2.71
C HIS A 197 -2.62 -14.70 2.05
N PRO A 198 -3.58 -15.01 1.16
CA PRO A 198 -3.51 -16.26 0.41
C PRO A 198 -2.29 -16.26 -0.53
N GLY A 199 -1.66 -17.42 -0.63
CA GLY A 199 -0.88 -17.77 -1.81
C GLY A 199 -1.75 -18.14 -3.00
C GLY A 199 -1.84 -18.11 -2.93
N TYR A 200 -1.26 -18.99 -3.88
N TYR A 200 -1.32 -18.75 -3.98
CA TYR A 200 -2.02 -19.36 -5.09
CA TYR A 200 -2.10 -19.22 -5.14
C TYR A 200 -3.03 -20.45 -4.69
C TYR A 200 -3.16 -20.22 -4.68
N ILE A 201 -4.28 -20.21 -5.12
N ILE A 201 -4.39 -20.08 -5.19
CA ILE A 201 -5.52 -21.00 -4.82
CA ILE A 201 -5.52 -20.96 -4.84
C ILE A 201 -6.16 -21.44 -6.13
N LYS A 202 -6.42 -22.74 -6.25
CA LYS A 202 -7.08 -23.34 -7.42
C LYS A 202 -8.55 -22.94 -7.38
N THR A 203 -8.99 -22.24 -8.41
CA THR A 203 -10.39 -21.84 -8.61
C THR A 203 -10.76 -22.12 -10.07
N PRO A 204 -12.05 -22.21 -10.42
CA PRO A 204 -12.44 -22.29 -11.83
C PRO A 204 -11.73 -21.22 -12.69
N LEU A 205 -11.52 -20.00 -12.17
CA LEU A 205 -10.87 -18.88 -12.90
C LEU A 205 -9.40 -19.20 -13.21
N VAL A 206 -8.67 -19.76 -12.26
CA VAL A 206 -7.26 -20.22 -12.47
C VAL A 206 -7.29 -21.36 -13.50
N ASP A 207 -8.24 -22.29 -13.38
CA ASP A 207 -8.40 -23.43 -14.32
C ASP A 207 -8.55 -22.90 -15.76
N ASP A 208 -9.14 -21.71 -15.94
CA ASP A 208 -9.43 -21.08 -17.26
C ASP A 208 -8.19 -20.38 -17.84
N LEU A 209 -7.09 -20.27 -17.09
CA LEU A 209 -5.84 -19.62 -17.57
C LEU A 209 -4.81 -20.70 -17.85
N PRO A 210 -4.62 -21.10 -19.13
CA PRO A 210 -3.74 -22.22 -19.44
C PRO A 210 -2.35 -22.02 -18.82
N GLY A 211 -1.87 -23.05 -18.12
CA GLY A 211 -0.51 -23.07 -17.55
C GLY A 211 -0.37 -22.30 -16.25
N ALA A 212 -1.42 -21.61 -15.77
CA ALA A 212 -1.33 -20.76 -14.56
C ALA A 212 -0.99 -21.63 -13.33
N GLU A 213 -1.76 -22.70 -13.11
CA GLU A 213 -1.59 -23.58 -11.92
C GLU A 213 -0.21 -24.23 -12.00
N GLU A 214 0.19 -24.65 -13.20
CA GLU A 214 1.48 -25.33 -13.41
C GLU A 214 2.62 -24.36 -13.05
N ALA A 215 2.52 -23.09 -13.45
CA ALA A 215 3.57 -22.07 -13.19
C ALA A 215 3.59 -21.82 -11.67
C ALA A 215 3.77 -21.83 -11.70
N MET A 216 2.41 -21.68 -11.05
N MET A 216 2.68 -21.70 -10.95
CA MET A 216 2.24 -21.39 -9.60
CA MET A 216 2.73 -21.35 -9.51
C MET A 216 2.83 -22.55 -8.76
C MET A 216 2.84 -22.65 -8.69
N SER A 217 2.77 -23.78 -9.30
N SER A 217 2.81 -23.83 -9.32
CA SER A 217 3.12 -25.06 -8.61
CA SER A 217 3.12 -25.10 -8.62
C SER A 217 4.62 -25.40 -8.72
N GLN A 218 5.37 -24.66 -9.55
CA GLN A 218 6.85 -24.84 -9.58
C GLN A 218 7.39 -24.60 -8.16
N ARG A 219 8.36 -25.40 -7.74
CA ARG A 219 8.92 -25.38 -6.37
C ARG A 219 9.56 -24.02 -6.09
N THR A 220 10.06 -23.34 -7.13
CA THR A 220 10.64 -21.98 -7.04
C THR A 220 9.56 -20.93 -6.75
N LYS A 221 8.28 -21.30 -6.88
CA LYS A 221 7.16 -20.41 -6.52
C LYS A 221 6.51 -20.95 -5.24
N THR A 222 5.80 -22.07 -5.33
CA THR A 222 5.15 -22.68 -4.14
C THR A 222 5.91 -23.93 -3.73
N PRO A 223 6.68 -23.91 -2.62
CA PRO A 223 7.50 -25.06 -2.20
C PRO A 223 6.76 -26.39 -2.06
N MET A 224 5.46 -26.35 -1.69
CA MET A 224 4.64 -27.59 -1.58
C MET A 224 4.45 -28.26 -2.94
N GLY A 225 4.71 -27.57 -4.06
CA GLY A 225 4.67 -28.17 -5.39
C GLY A 225 3.26 -28.31 -5.93
N HIS A 226 2.32 -27.63 -5.28
CA HIS A 226 0.89 -27.58 -5.69
C HIS A 226 0.33 -26.29 -5.12
N ILE A 227 -0.85 -25.90 -5.57
CA ILE A 227 -1.49 -24.67 -5.03
C ILE A 227 -2.63 -25.10 -4.11
N GLY A 228 -3.26 -24.13 -3.46
CA GLY A 228 -4.24 -24.40 -2.41
C GLY A 228 -5.63 -24.55 -3.00
C GLY A 228 -5.63 -24.60 -2.99
N GLU A 229 -6.62 -24.69 -2.14
N GLU A 229 -6.62 -24.62 -2.13
CA GLU A 229 -8.05 -24.74 -2.56
CA GLU A 229 -8.04 -24.70 -2.53
C GLU A 229 -8.80 -23.71 -1.73
C GLU A 229 -8.79 -23.67 -1.72
N PRO A 230 -9.97 -23.23 -2.20
N PRO A 230 -9.98 -23.23 -2.20
CA PRO A 230 -10.70 -22.16 -1.52
C PRO A 230 -10.94 -22.40 -0.01
N ASN A 231 -11.20 -23.63 0.40
CA ASN A 231 -11.45 -23.94 1.84
C ASN A 231 -10.21 -23.61 2.68
N ASP A 232 -9.02 -23.64 2.10
CA ASP A 232 -7.79 -23.24 2.86
C ASP A 232 -7.98 -21.82 3.38
N ILE A 233 -8.59 -20.95 2.60
CA ILE A 233 -8.78 -19.54 3.04
C ILE A 233 -10.03 -19.47 3.93
N ALA A 234 -11.07 -20.25 3.63
CA ALA A 234 -12.30 -20.23 4.43
C ALA A 234 -11.96 -20.55 5.90
N TYR A 235 -11.12 -21.55 6.17
CA TYR A 235 -10.89 -22.00 7.57
C TYR A 235 -10.18 -20.90 8.38
N ILE A 236 -9.20 -20.18 7.81
CA ILE A 236 -8.55 -19.10 8.61
C ILE A 236 -9.54 -17.95 8.82
N CYS A 237 -10.44 -17.69 7.88
CA CYS A 237 -11.47 -16.64 8.02
C CYS A 237 -12.47 -17.03 9.13
N VAL A 238 -12.81 -18.31 9.27
CA VAL A 238 -13.73 -18.73 10.38
C VAL A 238 -13.04 -18.39 11.70
N TYR A 239 -11.77 -18.72 11.84
CA TYR A 239 -10.99 -18.43 13.07
C TYR A 239 -11.03 -16.93 13.35
N LEU A 240 -10.74 -16.10 12.35
CA LEU A 240 -10.67 -14.62 12.54
C LEU A 240 -12.06 -14.00 12.79
N ALA A 241 -13.13 -14.54 12.23
CA ALA A 241 -14.50 -14.02 12.44
C ALA A 241 -15.00 -14.41 13.84
C ALA A 241 -15.00 -14.45 13.83
N SER A 242 -14.63 -15.60 14.30
N SER A 242 -14.46 -15.56 14.34
CA SER A 242 -15.09 -16.16 15.60
CA SER A 242 -14.88 -16.23 15.60
C SER A 242 -14.49 -15.38 16.77
C SER A 242 -14.31 -15.50 16.82
N ASN A 243 -15.04 -15.59 17.97
N ASN A 243 -15.01 -15.58 17.95
CA ASN A 243 -14.51 -15.02 19.24
C ASN A 243 -13.27 -15.80 19.70
N GLU A 244 -12.91 -16.91 19.04
CA GLU A 244 -11.65 -17.66 19.31
C GLU A 244 -10.44 -16.74 19.12
N SER A 245 -10.55 -15.73 18.24
CA SER A 245 -9.43 -14.84 17.86
C SER A 245 -9.56 -13.46 18.52
N LYS A 246 -10.23 -13.38 19.67
CA LYS A 246 -10.55 -12.10 20.35
C LYS A 246 -9.29 -11.33 20.79
N PHE A 247 -8.10 -11.94 20.82
CA PHE A 247 -6.85 -11.21 21.16
C PHE A 247 -6.02 -10.91 19.90
N ALA A 248 -6.48 -11.31 18.71
CA ALA A 248 -5.76 -11.07 17.44
C ALA A 248 -6.31 -9.80 16.80
N THR A 249 -5.46 -8.78 16.68
CA THR A 249 -5.82 -7.56 15.91
C THR A 249 -4.52 -6.98 15.34
N GLY A 250 -4.61 -6.47 14.12
CA GLY A 250 -3.45 -5.84 13.46
C GLY A 250 -2.44 -6.86 12.95
N SER A 251 -2.84 -8.13 12.88
CA SER A 251 -2.00 -9.29 12.50
C SER A 251 -2.20 -9.67 11.03
N GLU A 252 -1.18 -10.30 10.45
CA GLU A 252 -1.17 -10.81 9.06
C GLU A 252 -1.13 -12.34 9.12
N PHE A 253 -2.11 -12.98 8.50
CA PHE A 253 -2.27 -14.46 8.49
C PHE A 253 -2.00 -14.96 7.08
N VAL A 254 -0.86 -15.61 6.88
CA VAL A 254 -0.41 -16.09 5.54
C VAL A 254 -0.71 -17.57 5.40
N VAL A 255 -1.40 -17.92 4.32
CA VAL A 255 -1.68 -19.33 3.96
C VAL A 255 -1.28 -19.53 2.50
N ASP A 256 -0.04 -19.98 2.27
CA ASP A 256 0.61 -19.81 0.94
C ASP A 256 1.47 -20.98 0.49
N GLY A 257 1.45 -22.15 1.14
CA GLY A 257 2.24 -23.29 0.64
C GLY A 257 3.74 -23.09 0.75
N GLY A 258 4.19 -22.12 1.54
CA GLY A 258 5.61 -21.81 1.73
C GLY A 258 6.13 -20.72 0.80
N TYR A 259 5.27 -20.11 -0.02
CA TYR A 259 5.72 -19.12 -1.04
C TYR A 259 6.63 -18.05 -0.43
N THR A 260 6.22 -17.44 0.68
CA THR A 260 6.94 -16.28 1.26
C THR A 260 8.04 -16.74 2.23
N ALA A 261 8.11 -18.02 2.60
CA ALA A 261 9.13 -18.52 3.54
C ALA A 261 10.51 -18.62 2.87
N GLN A 262 10.56 -18.68 1.54
CA GLN A 262 11.85 -18.73 0.79
C GLN A 262 12.10 -17.41 0.06
N SER B 12 33.95 11.98 -1.19
N SER B 12 35.21 14.35 -2.86
CA SER B 12 33.65 13.13 -2.10
CA SER B 12 34.25 13.28 -2.41
C SER B 12 33.51 12.64 -3.55
C SER B 12 33.58 12.63 -3.63
N ASN B 13 32.74 13.39 -4.34
CA ASN B 13 32.30 13.04 -5.72
C ASN B 13 31.58 11.68 -5.74
N ARG B 14 30.83 11.34 -4.69
CA ARG B 14 30.17 10.01 -4.61
C ARG B 14 29.04 9.89 -5.64
N LEU B 15 28.57 11.02 -6.20
CA LEU B 15 27.51 11.00 -7.24
C LEU B 15 28.04 11.64 -8.53
N ASP B 16 29.31 11.43 -8.82
CA ASP B 16 29.96 11.93 -10.06
C ASP B 16 29.05 11.64 -11.27
N GLY B 17 28.70 12.67 -12.05
CA GLY B 17 27.98 12.49 -13.33
C GLY B 17 26.50 12.26 -13.18
N LYS B 18 25.98 12.03 -11.96
CA LYS B 18 24.54 11.73 -11.79
C LYS B 18 23.69 12.97 -12.06
N VAL B 19 22.47 12.73 -12.53
CA VAL B 19 21.44 13.77 -12.77
C VAL B 19 20.19 13.33 -12.03
N ALA B 20 19.80 14.07 -11.00
CA ALA B 20 18.75 13.63 -10.07
C ALA B 20 17.56 14.59 -10.14
N ILE B 21 16.36 14.01 -10.13
CA ILE B 21 15.09 14.73 -9.82
C ILE B 21 14.73 14.39 -8.37
N ILE B 22 14.44 15.41 -7.59
CA ILE B 22 13.98 15.21 -6.20
C ILE B 22 12.64 15.93 -6.05
N THR B 23 11.55 15.17 -5.92
CA THR B 23 10.22 15.78 -5.72
C THR B 23 10.10 16.22 -4.26
N GLY B 24 9.42 17.33 -4.04
CA GLY B 24 9.37 17.93 -2.70
C GLY B 24 10.76 18.25 -2.21
N GLY B 25 11.61 18.76 -3.09
CA GLY B 25 13.02 19.02 -2.79
C GLY B 25 13.28 20.44 -2.31
N THR B 26 12.26 21.24 -2.04
CA THR B 26 12.39 22.69 -1.75
C THR B 26 12.47 22.95 -0.24
N LEU B 27 12.21 21.96 0.61
CA LEU B 27 12.27 22.15 2.07
C LEU B 27 12.53 20.84 2.80
N GLY B 28 12.89 20.95 4.07
CA GLY B 28 13.03 19.81 4.99
C GLY B 28 13.90 18.71 4.41
N ILE B 29 13.41 17.48 4.47
CA ILE B 29 14.19 16.28 4.05
C ILE B 29 14.61 16.42 2.58
N GLY B 30 13.69 16.82 1.71
CA GLY B 30 13.97 16.93 0.27
C GLY B 30 15.10 17.90 0.00
N LEU B 31 15.09 19.03 0.70
CA LEU B 31 16.14 20.08 0.52
C LEU B 31 17.49 19.55 1.01
N ALA B 32 17.51 18.80 2.11
CA ALA B 32 18.77 18.19 2.63
C ALA B 32 19.30 17.18 1.61
N ILE B 33 18.42 16.37 1.02
CA ILE B 33 18.84 15.39 -0.02
C ILE B 33 19.44 16.19 -1.19
N ALA B 34 18.77 17.24 -1.63
CA ALA B 34 19.24 18.07 -2.77
C ALA B 34 20.62 18.66 -2.44
N THR B 35 20.79 19.18 -1.22
CA THR B 35 22.05 19.82 -0.77
C THR B 35 23.19 18.82 -0.81
N LYS B 36 23.01 17.63 -0.22
CA LYS B 36 24.09 16.62 -0.18
C LYS B 36 24.32 16.07 -1.59
N PHE B 37 23.28 15.96 -2.41
CA PHE B 37 23.46 15.45 -3.79
C PHE B 37 24.38 16.40 -4.58
N VAL B 38 24.13 17.70 -4.48
CA VAL B 38 24.99 18.71 -5.16
C VAL B 38 26.42 18.63 -4.59
N GLU B 39 26.56 18.48 -3.27
N GLU B 39 26.55 18.51 -3.26
CA GLU B 39 27.90 18.41 -2.61
CA GLU B 39 27.88 18.40 -2.61
C GLU B 39 28.66 17.18 -3.10
C GLU B 39 28.65 17.23 -3.23
N GLU B 40 27.96 16.11 -3.52
CA GLU B 40 28.60 14.88 -4.01
C GLU B 40 28.69 14.86 -5.54
N GLY B 41 28.38 15.97 -6.22
CA GLY B 41 28.67 16.11 -7.66
C GLY B 41 27.47 15.88 -8.56
N ALA B 42 26.29 15.61 -8.02
CA ALA B 42 25.08 15.43 -8.85
C ALA B 42 24.56 16.78 -9.35
N LYS B 43 23.99 16.79 -10.55
N LYS B 43 23.94 16.78 -10.52
CA LYS B 43 23.10 17.87 -11.03
CA LYS B 43 23.10 17.91 -11.02
C LYS B 43 21.72 17.53 -10.48
C LYS B 43 21.66 17.58 -10.64
N VAL B 44 20.96 18.54 -10.04
CA VAL B 44 19.68 18.29 -9.34
C VAL B 44 18.60 19.22 -9.90
N MET B 45 17.45 18.63 -10.17
CA MET B 45 16.18 19.38 -10.37
C MET B 45 15.29 19.08 -9.15
N ILE B 46 15.02 20.11 -8.36
CA ILE B 46 14.05 20.02 -7.22
C ILE B 46 12.68 20.46 -7.71
N THR B 47 11.65 19.82 -7.16
CA THR B 47 10.24 20.21 -7.43
C THR B 47 9.54 20.63 -6.14
N GLY B 48 8.51 21.42 -6.34
CA GLY B 48 7.59 21.85 -5.29
C GLY B 48 6.43 22.62 -5.89
N ARG B 49 5.38 22.83 -5.10
CA ARG B 49 4.15 23.51 -5.58
C ARG B 49 4.38 25.03 -5.74
N HIS B 50 5.30 25.63 -5.00
CA HIS B 50 5.42 27.10 -4.81
C HIS B 50 6.73 27.61 -5.40
N SER B 51 6.65 28.44 -6.44
CA SER B 51 7.81 29.08 -7.12
C SER B 51 8.60 29.92 -6.10
N ASP B 52 7.92 30.59 -5.18
CA ASP B 52 8.55 31.49 -4.19
C ASP B 52 9.57 30.68 -3.37
N VAL B 53 9.15 29.53 -2.85
CA VAL B 53 10.00 28.65 -2.01
C VAL B 53 11.07 28.01 -2.90
N GLY B 54 10.66 27.50 -4.05
CA GLY B 54 11.52 26.64 -4.88
C GLY B 54 12.68 27.41 -5.50
N GLU B 55 12.44 28.60 -6.06
CA GLU B 55 13.53 29.35 -6.71
C GLU B 55 14.55 29.76 -5.62
N LYS B 56 14.07 30.17 -4.45
CA LYS B 56 14.96 30.56 -3.32
C LYS B 56 15.81 29.35 -2.90
N ALA B 57 15.17 28.19 -2.76
CA ALA B 57 15.84 26.96 -2.31
C ALA B 57 16.96 26.60 -3.29
N ALA B 58 16.67 26.57 -4.59
CA ALA B 58 17.69 26.20 -5.61
C ALA B 58 18.90 27.13 -5.49
N LYS B 59 18.65 28.44 -5.45
CA LYS B 59 19.74 29.44 -5.38
C LYS B 59 20.53 29.27 -4.08
N SER B 60 19.88 28.87 -2.98
CA SER B 60 20.55 28.70 -1.66
C SER B 60 21.54 27.54 -1.72
N VAL B 61 21.35 26.60 -2.64
CA VAL B 61 22.18 25.38 -2.71
C VAL B 61 23.34 25.57 -3.71
N GLY B 62 23.05 26.16 -4.86
CA GLY B 62 24.09 26.27 -5.91
C GLY B 62 23.65 27.06 -7.11
N THR B 63 24.48 27.04 -8.14
CA THR B 63 24.24 27.75 -9.40
C THR B 63 23.26 26.95 -10.24
N PRO B 64 22.63 27.57 -11.26
CA PRO B 64 21.73 26.82 -12.13
C PRO B 64 22.43 25.73 -12.96
N PHE B 65 23.76 25.70 -12.99
CA PHE B 65 24.51 24.59 -13.64
C PHE B 65 24.59 23.39 -12.70
N GLN B 66 24.29 23.58 -11.41
CA GLN B 66 24.29 22.53 -10.35
C GLN B 66 22.86 22.12 -10.00
N ILE B 67 21.95 23.07 -9.85
CA ILE B 67 20.61 22.81 -9.29
C ILE B 67 19.62 23.83 -9.84
N GLN B 68 18.44 23.35 -10.21
CA GLN B 68 17.33 24.20 -10.67
C GLN B 68 16.05 23.70 -10.02
N PHE B 69 15.04 24.56 -10.08
CA PHE B 69 13.68 24.28 -9.57
C PHE B 69 12.72 24.12 -10.75
N PHE B 70 11.80 23.18 -10.60
CA PHE B 70 10.67 22.98 -11.54
C PHE B 70 9.37 22.90 -10.73
N GLN B 71 8.44 23.81 -10.99
CA GLN B 71 7.16 23.89 -10.26
C GLN B 71 6.28 22.71 -10.71
N HIS B 72 5.84 21.90 -9.76
CA HIS B 72 5.09 20.65 -10.08
C HIS B 72 4.36 20.15 -8.85
N ASP B 73 3.12 19.69 -9.04
CA ASP B 73 2.37 18.84 -8.10
C ASP B 73 2.59 17.40 -8.56
N SER B 74 3.11 16.54 -7.69
N SER B 74 3.09 16.55 -7.66
CA SER B 74 3.44 15.14 -8.05
CA SER B 74 3.43 15.13 -7.96
C SER B 74 2.18 14.39 -8.51
C SER B 74 2.19 14.35 -8.41
N SER B 75 0.99 14.85 -8.12
CA SER B 75 -0.29 14.19 -8.55
C SER B 75 -0.57 14.43 -10.03
N ASP B 76 0.13 15.39 -10.66
CA ASP B 76 -0.11 15.88 -12.03
C ASP B 76 0.67 15.03 -13.04
N GLU B 77 -0.01 14.11 -13.68
CA GLU B 77 0.61 13.12 -14.59
C GLU B 77 1.32 13.82 -15.77
N ASP B 78 0.65 14.76 -16.44
N ASP B 78 0.67 14.76 -16.44
CA ASP B 78 1.23 15.46 -17.62
CA ASP B 78 1.26 15.44 -17.62
C ASP B 78 2.48 16.25 -17.19
C ASP B 78 2.49 16.25 -17.18
N GLY B 79 2.44 16.85 -16.00
CA GLY B 79 3.59 17.58 -15.43
C GLY B 79 4.84 16.73 -15.27
N TRP B 80 4.68 15.43 -15.00
CA TRP B 80 5.83 14.50 -14.89
C TRP B 80 6.62 14.46 -16.19
N THR B 81 5.96 14.40 -17.35
CA THR B 81 6.62 14.44 -18.69
C THR B 81 7.41 15.77 -18.83
N LYS B 82 6.77 16.87 -18.47
CA LYS B 82 7.41 18.21 -18.58
C LYS B 82 8.68 18.25 -17.70
N LEU B 83 8.60 17.69 -16.49
CA LEU B 83 9.66 17.65 -15.47
C LEU B 83 10.87 16.87 -16.01
N PHE B 84 10.66 15.67 -16.55
CA PHE B 84 11.77 14.87 -17.14
C PHE B 84 12.35 15.61 -18.37
N ASP B 85 11.51 16.23 -19.19
CA ASP B 85 11.98 17.00 -20.39
C ASP B 85 12.82 18.18 -19.92
N ALA B 86 12.39 18.94 -18.90
CA ALA B 86 13.12 20.14 -18.42
C ALA B 86 14.45 19.71 -17.82
N THR B 87 14.48 18.59 -17.09
CA THR B 87 15.70 18.13 -16.40
C THR B 87 16.71 17.69 -17.47
N GLU B 88 16.26 16.96 -18.49
CA GLU B 88 17.18 16.51 -19.54
C GLU B 88 17.74 17.72 -20.32
N LYS B 89 16.88 18.72 -20.59
N LYS B 89 16.88 18.72 -20.59
CA LYS B 89 17.31 19.93 -21.32
CA LYS B 89 17.31 19.93 -21.32
C LYS B 89 18.41 20.65 -20.53
N ALA B 90 18.26 20.75 -19.21
CA ALA B 90 19.19 21.49 -18.33
C ALA B 90 20.50 20.70 -18.16
N PHE B 91 20.42 19.39 -17.92
CA PHE B 91 21.52 18.62 -17.29
C PHE B 91 21.91 17.35 -18.05
N GLY B 92 21.14 16.97 -19.06
CA GLY B 92 21.31 15.71 -19.78
C GLY B 92 20.49 14.59 -19.15
N PRO B 93 20.61 13.36 -19.67
CA PRO B 93 19.72 12.27 -19.26
C PRO B 93 19.67 12.04 -17.75
N VAL B 94 18.46 11.88 -17.24
CA VAL B 94 18.20 11.69 -15.79
C VAL B 94 18.69 10.27 -15.41
N SER B 95 19.46 10.17 -14.33
CA SER B 95 19.96 8.88 -13.78
C SER B 95 19.25 8.51 -12.49
N THR B 96 18.65 9.47 -11.80
CA THR B 96 18.30 9.31 -10.37
C THR B 96 16.99 10.03 -10.08
N LEU B 97 16.04 9.34 -9.46
CA LEU B 97 14.74 9.95 -9.07
C LEU B 97 14.50 9.67 -7.60
N VAL B 98 14.27 10.73 -6.82
CA VAL B 98 13.84 10.61 -5.40
C VAL B 98 12.40 11.09 -5.32
N ASN B 99 11.48 10.14 -5.17
CA ASN B 99 10.03 10.44 -4.99
C ASN B 99 9.80 10.78 -3.52
N ASN B 100 9.92 12.05 -3.14
CA ASN B 100 9.89 12.52 -1.73
C ASN B 100 8.63 13.35 -1.48
N ALA B 101 7.96 13.87 -2.50
CA ALA B 101 6.74 14.70 -2.31
C ALA B 101 5.70 13.87 -1.55
N GLY B 102 5.06 14.47 -0.55
CA GLY B 102 4.02 13.77 0.20
C GLY B 102 3.23 14.72 1.07
N ILE B 103 2.00 14.33 1.38
CA ILE B 103 1.14 15.07 2.35
C ILE B 103 0.63 14.09 3.39
N ALA B 104 0.15 14.65 4.49
CA ALA B 104 -0.41 13.88 5.62
C ALA B 104 -1.80 14.41 5.90
N VAL B 105 -2.70 13.51 6.22
CA VAL B 105 -4.04 13.80 6.79
C VAL B 105 -3.99 13.21 8.20
C VAL B 105 -4.06 13.26 8.23
N ASN B 106 -4.39 13.96 9.21
N ASN B 106 -4.31 14.13 9.21
CA ASN B 106 -4.27 13.50 10.61
CA ASN B 106 -4.43 13.74 10.64
C ASN B 106 -5.64 12.98 11.05
C ASN B 106 -5.84 13.18 10.86
N LYS B 107 -6.10 11.93 10.36
N LYS B 107 -6.10 11.96 10.39
CA LYS B 107 -7.40 11.26 10.60
CA LYS B 107 -7.40 11.26 10.60
C LYS B 107 -7.17 9.75 10.71
N SER B 108 -7.92 9.12 11.60
CA SER B 108 -8.09 7.65 11.59
C SER B 108 -8.77 7.24 10.28
N VAL B 109 -8.67 5.96 9.94
CA VAL B 109 -9.46 5.40 8.81
C VAL B 109 -10.94 5.77 9.00
N GLU B 110 -11.48 5.56 10.20
CA GLU B 110 -12.92 5.79 10.48
C GLU B 110 -13.33 7.22 10.10
N GLU B 111 -12.44 8.17 10.42
N GLU B 111 -12.47 8.20 10.42
CA GLU B 111 -12.72 9.62 10.34
CA GLU B 111 -12.82 9.63 10.30
C GLU B 111 -12.11 10.26 9.08
C GLU B 111 -12.27 10.25 9.01
N THR B 112 -11.67 9.45 8.11
CA THR B 112 -11.14 9.99 6.84
C THR B 112 -12.31 10.26 5.89
N THR B 113 -12.43 11.47 5.37
CA THR B 113 -13.47 11.77 4.35
C THR B 113 -12.98 11.22 3.01
N THR B 114 -13.89 10.96 2.09
CA THR B 114 -13.49 10.47 0.75
C THR B 114 -12.62 11.53 0.07
N ALA B 115 -12.93 12.81 0.23
CA ALA B 115 -12.12 13.88 -0.41
C ALA B 115 -10.67 13.82 0.13
N GLU B 116 -10.48 13.64 1.43
CA GLU B 116 -9.14 13.54 2.07
C GLU B 116 -8.41 12.32 1.52
N TRP B 117 -9.09 11.18 1.48
CA TRP B 117 -8.54 9.91 0.95
C TRP B 117 -8.01 10.14 -0.47
N ARG B 118 -8.84 10.70 -1.35
CA ARG B 118 -8.46 10.84 -2.79
C ARG B 118 -7.30 11.84 -2.92
N LYS B 119 -7.31 12.91 -2.14
CA LYS B 119 -6.28 13.96 -2.24
C LYS B 119 -4.94 13.36 -1.83
N LEU B 120 -4.91 12.66 -0.70
CA LEU B 120 -3.64 12.09 -0.20
C LEU B 120 -3.15 11.01 -1.17
N LEU B 121 -4.01 10.10 -1.61
CA LEU B 121 -3.54 9.05 -2.56
C LEU B 121 -3.02 9.69 -3.86
N ALA B 122 -3.62 10.80 -4.30
CA ALA B 122 -3.21 11.45 -5.57
C ALA B 122 -1.74 11.87 -5.47
N VAL B 123 -1.33 12.44 -4.34
CA VAL B 123 0.08 12.86 -4.16
C VAL B 123 0.96 11.66 -3.80
N ASN B 124 0.60 10.93 -2.76
CA ASN B 124 1.51 9.99 -2.07
C ASN B 124 1.63 8.68 -2.83
N LEU B 125 0.60 8.29 -3.58
CA LEU B 125 0.60 6.98 -4.27
C LEU B 125 0.60 7.22 -5.79
N ASP B 126 -0.39 7.91 -6.35
CA ASP B 126 -0.40 8.20 -7.82
C ASP B 126 0.92 8.86 -8.21
N GLY B 127 1.38 9.83 -7.43
CA GLY B 127 2.61 10.58 -7.77
C GLY B 127 3.82 9.67 -7.84
N VAL B 128 3.95 8.74 -6.89
CA VAL B 128 5.11 7.81 -6.83
C VAL B 128 4.99 6.82 -7.99
N PHE B 129 3.77 6.37 -8.29
CA PHE B 129 3.51 5.50 -9.46
C PHE B 129 3.94 6.26 -10.74
N PHE B 130 3.43 7.47 -10.94
CA PHE B 130 3.72 8.23 -12.18
C PHE B 130 5.24 8.43 -12.32
N GLY B 131 5.90 8.76 -11.22
CA GLY B 131 7.35 9.00 -11.25
C GLY B 131 8.14 7.73 -11.50
N THR B 132 7.78 6.64 -10.84
CA THR B 132 8.47 5.35 -10.99
C THR B 132 8.27 4.85 -12.43
N ARG B 133 7.03 4.84 -12.91
CA ARG B 133 6.71 4.32 -14.26
C ARG B 133 7.51 5.10 -15.30
N LEU B 134 7.49 6.43 -15.22
CA LEU B 134 8.20 7.28 -16.20
C LEU B 134 9.71 7.12 -16.02
N GLY B 135 10.19 7.09 -14.78
CA GLY B 135 11.63 6.93 -14.50
C GLY B 135 12.16 5.68 -15.13
N ILE B 136 11.45 4.56 -15.00
CA ILE B 136 11.94 3.28 -15.60
C ILE B 136 12.04 3.47 -17.10
N GLN B 137 11.01 4.01 -17.73
CA GLN B 137 10.98 4.18 -19.21
C GLN B 137 12.15 5.06 -19.66
N ARG B 138 12.42 6.14 -18.94
CA ARG B 138 13.40 7.17 -19.38
C ARG B 138 14.85 6.80 -19.01
C ARG B 138 14.82 6.72 -19.00
N MET B 139 15.06 5.91 -18.04
N MET B 139 14.98 5.97 -17.91
CA MET B 139 16.42 5.71 -17.45
CA MET B 139 16.29 5.65 -17.30
C MET B 139 16.92 4.28 -17.71
C MET B 139 16.89 4.36 -17.89
N LYS B 140 16.09 3.40 -18.25
N LYS B 140 16.05 3.40 -18.26
CA LYS B 140 16.51 2.01 -18.54
CA LYS B 140 16.51 2.01 -18.55
C LYS B 140 17.47 1.98 -19.73
N ASN B 141 18.41 1.05 -19.69
CA ASN B 141 19.21 0.63 -20.86
C ASN B 141 20.12 1.76 -21.35
N LYS B 142 20.58 2.65 -20.47
CA LYS B 142 21.45 3.79 -20.87
C LYS B 142 22.80 3.74 -20.13
N GLY B 143 23.06 2.70 -19.34
CA GLY B 143 24.35 2.57 -18.63
C GLY B 143 24.57 3.71 -17.62
N LEU B 144 23.48 4.25 -17.07
CA LEU B 144 23.52 5.40 -16.13
C LEU B 144 23.75 4.96 -14.68
N GLY B 145 23.63 3.67 -14.36
CA GLY B 145 23.56 3.26 -12.95
C GLY B 145 22.34 3.90 -12.32
N ALA B 146 21.20 3.75 -12.96
CA ALA B 146 19.98 4.49 -12.58
C ALA B 146 19.42 3.93 -11.26
N SER B 147 18.84 4.85 -10.49
CA SER B 147 18.37 4.55 -9.12
C SER B 147 17.11 5.36 -8.85
N ILE B 148 16.04 4.68 -8.47
CA ILE B 148 14.78 5.31 -8.00
C ILE B 148 14.68 5.04 -6.51
N ILE B 149 14.55 6.12 -5.75
CA ILE B 149 14.46 6.09 -4.28
C ILE B 149 13.07 6.60 -3.92
N ASN B 150 12.24 5.71 -3.42
N ASN B 150 12.19 5.70 -3.48
CA ASN B 150 10.84 6.02 -3.00
CA ASN B 150 10.80 6.04 -3.10
C ASN B 150 10.81 6.21 -1.48
C ASN B 150 10.76 6.25 -1.59
N MET B 151 10.28 7.35 -1.05
N MET B 151 10.53 7.49 -1.16
CA MET B 151 10.12 7.67 0.39
CA MET B 151 10.41 7.82 0.28
C MET B 151 8.85 6.97 0.89
C MET B 151 9.09 7.23 0.80
N SER B 152 8.96 6.11 1.91
N SER B 152 9.20 6.12 1.55
CA SER B 152 7.90 5.11 2.23
CA SER B 152 8.14 5.57 2.40
C SER B 152 7.65 5.02 3.75
C SER B 152 8.28 6.22 3.78
N SER B 153 8.32 5.85 4.58
N SER B 153 8.20 5.44 4.86
CA SER B 153 7.94 6.15 5.98
CA SER B 153 8.16 5.97 6.24
C SER B 153 8.09 4.91 6.89
C SER B 153 8.14 4.81 7.23
N ILE B 154 8.31 5.12 8.20
N ILE B 154 8.40 5.07 8.50
CA ILE B 154 8.08 4.04 9.20
CA ILE B 154 7.99 4.11 9.56
C ILE B 154 6.58 3.68 9.17
C ILE B 154 6.54 3.70 9.29
N GLU B 155 5.71 4.60 8.74
CA GLU B 155 4.26 4.34 8.52
C GLU B 155 4.02 3.40 7.33
N GLY B 156 5.06 2.93 6.66
CA GLY B 156 4.97 1.82 5.68
C GLY B 156 5.15 0.48 6.36
N PHE B 157 5.60 0.46 7.62
CA PHE B 157 5.89 -0.78 8.38
C PHE B 157 4.86 -1.00 9.50
N VAL B 158 4.51 0.06 10.21
CA VAL B 158 3.59 -0.04 11.36
C VAL B 158 2.42 0.91 11.13
N GLY B 159 1.32 0.57 11.76
CA GLY B 159 0.14 1.43 11.74
C GLY B 159 0.31 2.60 12.69
N ASP B 160 -0.42 3.67 12.41
CA ASP B 160 -0.67 4.77 13.39
C ASP B 160 -2.16 5.00 13.36
N PRO B 161 -2.85 4.95 14.51
CA PRO B 161 -4.30 5.06 14.52
C PRO B 161 -4.87 6.35 13.92
N SER B 162 -4.07 7.42 13.87
CA SER B 162 -4.53 8.73 13.35
C SER B 162 -3.84 9.08 12.02
N LEU B 163 -3.34 8.08 11.28
CA LEU B 163 -2.71 8.29 9.95
C LEU B 163 -3.18 7.22 8.95
N GLY B 164 -4.49 6.97 8.90
CA GLY B 164 -5.03 5.84 8.12
C GLY B 164 -4.68 5.92 6.66
N ALA B 165 -4.99 7.03 5.99
CA ALA B 165 -4.75 7.18 4.54
C ALA B 165 -3.23 7.20 4.29
N TYR B 166 -2.48 7.86 5.16
CA TYR B 166 -1.00 7.95 5.03
C TYR B 166 -0.41 6.55 5.10
N ASN B 167 -0.85 5.73 6.07
CA ASN B 167 -0.45 4.30 6.21
C ASN B 167 -0.75 3.57 4.89
N ALA B 168 -1.96 3.71 4.35
CA ALA B 168 -2.32 3.05 3.07
C ALA B 168 -1.28 3.45 2.01
N SER B 169 -1.01 4.73 1.84
CA SER B 169 -0.12 5.24 0.78
C SER B 169 1.30 4.67 0.98
N LYS B 170 1.78 4.62 2.21
CA LYS B 170 3.18 4.21 2.47
C LYS B 170 3.33 2.69 2.33
N GLY B 171 2.33 1.90 2.72
CA GLY B 171 2.34 0.46 2.47
C GLY B 171 2.36 0.20 0.98
N ALA B 172 1.58 0.96 0.22
CA ALA B 172 1.47 0.81 -1.25
C ALA B 172 2.85 1.05 -1.85
N VAL B 173 3.49 2.15 -1.47
CA VAL B 173 4.82 2.52 -2.03
C VAL B 173 5.82 1.41 -1.70
N ARG B 174 5.80 0.91 -0.47
CA ARG B 174 6.74 -0.12 -0.01
C ARG B 174 6.72 -1.32 -0.98
N ILE B 175 5.52 -1.84 -1.30
CA ILE B 175 5.47 -3.14 -2.03
C ILE B 175 5.48 -2.87 -3.54
C ILE B 175 5.48 -2.87 -3.54
N MET B 176 4.89 -1.77 -4.00
CA MET B 176 4.95 -1.40 -5.44
C MET B 176 6.41 -1.25 -5.84
N SER B 177 7.23 -0.70 -4.96
N SER B 177 7.23 -0.70 -4.96
CA SER B 177 8.68 -0.50 -5.24
CA SER B 177 8.68 -0.50 -5.24
C SER B 177 9.38 -1.84 -5.47
N LYS B 178 9.02 -2.87 -4.71
CA LYS B 178 9.58 -4.23 -4.87
C LYS B 178 9.20 -4.76 -6.25
N SER B 179 7.96 -4.58 -6.66
CA SER B 179 7.49 -5.04 -7.99
C SER B 179 8.39 -4.42 -9.06
N ALA B 180 8.55 -3.10 -8.99
CA ALA B 180 9.35 -2.36 -9.98
C ALA B 180 10.81 -2.79 -9.92
N ALA B 181 11.40 -2.96 -8.73
CA ALA B 181 12.78 -3.45 -8.57
C ALA B 181 12.95 -4.79 -9.30
N LEU B 182 12.02 -5.71 -9.11
CA LEU B 182 12.12 -7.07 -9.67
C LEU B 182 12.04 -6.99 -11.21
N ASP B 183 11.07 -6.26 -11.74
CA ASP B 183 10.90 -6.18 -13.21
C ASP B 183 12.17 -5.59 -13.84
N CYS B 184 12.69 -4.52 -13.27
CA CYS B 184 13.92 -3.86 -13.80
C CYS B 184 15.11 -4.83 -13.74
N ALA B 185 15.26 -5.57 -12.64
CA ALA B 185 16.35 -6.56 -12.47
C ALA B 185 16.20 -7.67 -13.51
N LEU B 186 15.02 -8.23 -13.66
CA LEU B 186 14.81 -9.41 -14.54
C LEU B 186 15.00 -9.03 -16.01
N LYS B 187 14.67 -7.80 -16.36
CA LYS B 187 14.77 -7.30 -17.76
C LYS B 187 16.14 -6.65 -18.02
N ASP B 188 17.05 -6.65 -17.04
CA ASP B 188 18.43 -6.10 -17.22
C ASP B 188 18.36 -4.63 -17.63
N TYR B 189 17.46 -3.85 -17.02
CA TYR B 189 17.25 -2.42 -17.35
C TYR B 189 18.32 -1.48 -16.77
N ASP B 190 19.17 -1.93 -15.84
CA ASP B 190 20.16 -1.05 -15.17
C ASP B 190 19.41 0.05 -14.41
N VAL B 191 18.29 -0.31 -13.77
CA VAL B 191 17.53 0.58 -12.88
C VAL B 191 17.28 -0.16 -11.56
N ARG B 192 17.67 0.42 -10.44
CA ARG B 192 17.38 -0.12 -9.10
C ARG B 192 16.24 0.70 -8.50
N VAL B 193 15.43 0.05 -7.68
CA VAL B 193 14.33 0.71 -6.95
C VAL B 193 14.39 0.26 -5.49
N ASN B 194 14.44 1.22 -4.58
CA ASN B 194 14.52 0.94 -3.13
C ASN B 194 13.63 1.95 -2.40
N THR B 195 13.31 1.64 -1.16
CA THR B 195 12.48 2.52 -0.30
C THR B 195 13.30 2.96 0.91
N VAL B 196 13.07 4.21 1.31
CA VAL B 196 13.66 4.79 2.53
C VAL B 196 12.52 5.10 3.50
N HIS B 197 12.74 4.80 4.77
CA HIS B 197 11.66 4.83 5.79
C HIS B 197 12.14 5.67 6.96
N PRO B 198 12.00 7.00 6.86
CA PRO B 198 12.34 7.86 7.99
C PRO B 198 11.39 7.65 9.17
N GLY B 199 11.95 7.68 10.37
CA GLY B 199 11.19 7.98 11.57
C GLY B 199 10.98 9.48 11.68
C GLY B 199 10.92 9.47 11.71
N TYR B 200 10.71 9.97 12.88
N TYR B 200 10.84 9.95 12.93
CA TYR B 200 10.42 11.40 13.12
CA TYR B 200 10.55 11.36 13.23
C TYR B 200 11.69 12.23 12.94
C TYR B 200 11.79 12.21 12.96
N ILE B 201 11.57 13.31 12.17
N ILE B 201 11.61 13.29 12.20
CA ILE B 201 12.70 14.19 11.78
CA ILE B 201 12.70 14.19 11.78
C ILE B 201 12.35 15.63 12.17
N LYS B 202 13.27 16.32 12.81
CA LYS B 202 13.12 17.74 13.20
C LYS B 202 13.21 18.59 11.92
N THR B 203 12.13 19.28 11.61
CA THR B 203 12.05 20.26 10.50
C THR B 203 11.42 21.53 11.05
N PRO B 204 11.52 22.68 10.36
CA PRO B 204 10.76 23.86 10.74
C PRO B 204 9.25 23.60 10.96
N LEU B 205 8.62 22.71 10.19
CA LEU B 205 7.19 22.36 10.36
C LEU B 205 6.94 21.73 11.73
N VAL B 206 7.80 20.81 12.17
CA VAL B 206 7.73 20.24 13.54
C VAL B 206 7.96 21.36 14.55
N ASP B 207 8.97 22.22 14.35
CA ASP B 207 9.31 23.32 15.29
C ASP B 207 8.14 24.29 15.45
N ASP B 208 7.29 24.41 14.42
CA ASP B 208 6.14 25.35 14.40
C ASP B 208 4.95 24.78 15.16
N LEU B 209 4.98 23.49 15.54
CA LEU B 209 3.86 22.88 16.29
C LEU B 209 4.28 22.70 17.74
N PRO B 210 3.82 23.57 18.69
CA PRO B 210 4.25 23.46 20.08
C PRO B 210 4.05 22.05 20.64
N GLY B 211 5.09 21.49 21.26
CA GLY B 211 5.04 20.19 21.93
C GLY B 211 5.22 18.99 21.00
N ALA B 212 5.30 19.18 19.68
CA ALA B 212 5.34 18.05 18.73
C ALA B 212 6.66 17.27 18.90
N GLU B 213 7.79 17.97 18.87
CA GLU B 213 9.10 17.31 19.02
C GLU B 213 9.15 16.55 20.36
N GLU B 214 8.67 17.18 21.44
CA GLU B 214 8.71 16.56 22.78
C GLU B 214 7.90 15.25 22.76
N ALA B 215 6.73 15.25 22.15
CA ALA B 215 5.85 14.05 22.06
C ALA B 215 6.57 12.96 21.26
C ALA B 215 6.57 12.95 21.27
N MET B 216 7.17 13.32 20.13
CA MET B 216 7.86 12.37 19.22
C MET B 216 9.12 11.79 19.88
N SER B 217 9.68 12.50 20.86
N SER B 217 9.68 12.50 20.86
CA SER B 217 10.95 12.15 21.54
CA SER B 217 10.95 12.15 21.54
C SER B 217 10.71 11.25 22.77
N GLN B 218 9.45 11.04 23.16
CA GLN B 218 9.16 10.14 24.29
C GLN B 218 9.66 8.75 23.91
N ARG B 219 10.20 8.01 24.89
CA ARG B 219 10.89 6.72 24.63
C ARG B 219 9.91 5.69 24.06
N THR B 220 8.63 5.77 24.40
CA THR B 220 7.58 4.86 23.86
C THR B 220 7.36 5.12 22.36
N LYS B 221 7.86 6.25 21.84
CA LYS B 221 7.85 6.57 20.39
C LYS B 221 9.25 6.31 19.83
N THR B 222 10.20 7.17 20.18
CA THR B 222 11.58 7.09 19.63
C THR B 222 12.51 6.71 20.77
N PRO B 223 12.98 5.45 20.83
CA PRO B 223 13.86 4.99 21.91
C PRO B 223 15.09 5.85 22.17
N MET B 224 15.64 6.49 21.13
CA MET B 224 16.83 7.38 21.33
C MET B 224 16.49 8.61 22.19
N GLY B 225 15.21 8.94 22.38
CA GLY B 225 14.81 10.06 23.26
C GLY B 225 14.99 11.42 22.61
N HIS B 226 15.20 11.41 21.29
CA HIS B 226 15.21 12.63 20.45
C HIS B 226 14.83 12.22 19.04
N ILE B 227 14.61 13.18 18.16
CA ILE B 227 14.21 12.87 16.78
C ILE B 227 15.39 13.20 15.87
N GLY B 228 15.26 12.84 14.60
CA GLY B 228 16.38 12.96 13.68
C GLY B 228 16.51 14.36 13.09
C GLY B 228 16.49 14.36 13.11
N GLU B 229 17.44 14.55 12.17
N GLU B 229 17.30 14.49 12.08
CA GLU B 229 17.58 15.81 11.39
CA GLU B 229 17.52 15.75 11.37
C GLU B 229 17.54 15.44 9.90
C GLU B 229 17.48 15.41 9.89
N PRO B 230 17.16 16.37 9.01
N PRO B 230 17.15 16.37 9.01
CA PRO B 230 17.06 16.09 7.58
C PRO B 230 18.30 15.39 6.98
N ASN B 231 19.50 15.74 7.42
CA ASN B 231 20.74 15.13 6.88
C ASN B 231 20.75 13.62 7.15
N ASP B 232 20.09 13.15 8.21
CA ASP B 232 20.01 11.69 8.49
C ASP B 232 19.41 10.97 7.27
N ILE B 233 18.40 11.57 6.66
CA ILE B 233 17.78 10.95 5.46
C ILE B 233 18.65 11.24 4.22
N ALA B 234 19.27 12.42 4.13
CA ALA B 234 20.12 12.77 2.97
C ALA B 234 21.24 11.73 2.80
N TYR B 235 21.89 11.32 3.88
CA TYR B 235 23.05 10.41 3.78
C TYR B 235 22.65 9.05 3.24
N ILE B 236 21.53 8.49 3.67
CA ILE B 236 21.11 7.15 3.14
C ILE B 236 20.73 7.33 1.67
N CYS B 237 20.16 8.47 1.29
CA CYS B 237 19.82 8.72 -0.14
C CYS B 237 21.08 8.84 -1.00
N VAL B 238 22.15 9.42 -0.49
CA VAL B 238 23.42 9.51 -1.27
C VAL B 238 23.91 8.08 -1.55
N TYR B 239 23.90 7.22 -0.52
CA TYR B 239 24.32 5.80 -0.67
C TYR B 239 23.50 5.14 -1.78
N LEU B 240 22.18 5.28 -1.73
CA LEU B 240 21.27 4.59 -2.67
C LEU B 240 21.35 5.17 -4.08
N ALA B 241 21.65 6.47 -4.24
CA ALA B 241 21.79 7.08 -5.58
C ALA B 241 23.14 6.70 -6.18
C ALA B 241 23.15 6.71 -6.17
N SER B 242 24.14 6.49 -5.35
N SER B 242 24.11 6.39 -5.30
CA SER B 242 25.52 6.21 -5.81
CA SER B 242 25.52 6.13 -5.68
C SER B 242 25.62 4.80 -6.37
C SER B 242 25.68 4.72 -6.24
N ASN B 243 26.70 4.52 -7.08
N ASN B 243 26.68 4.51 -7.08
CA ASN B 243 27.01 3.16 -7.56
C ASN B 243 27.52 2.28 -6.41
N GLU B 244 27.77 2.84 -5.22
CA GLU B 244 28.14 2.06 -4.02
C GLU B 244 27.05 1.03 -3.71
N SER B 245 25.81 1.32 -4.11
CA SER B 245 24.64 0.47 -3.79
C SER B 245 24.18 -0.34 -5.00
N LYS B 246 25.07 -0.65 -5.94
CA LYS B 246 24.72 -1.30 -7.22
C LYS B 246 24.12 -2.69 -7.05
N PHE B 247 24.22 -3.34 -5.88
CA PHE B 247 23.61 -4.68 -5.64
C PHE B 247 22.36 -4.56 -4.77
N ALA B 248 21.97 -3.34 -4.37
CA ALA B 248 20.77 -3.13 -3.52
C ALA B 248 19.60 -2.77 -4.44
N THR B 249 18.61 -3.64 -4.49
CA THR B 249 17.34 -3.36 -5.18
C THR B 249 16.22 -4.12 -4.47
N GLY B 250 15.06 -3.47 -4.39
CA GLY B 250 13.88 -4.08 -3.76
C GLY B 250 14.00 -4.08 -2.24
N SER B 251 14.89 -3.25 -1.68
CA SER B 251 15.16 -3.22 -0.22
C SER B 251 14.54 -1.99 0.44
N GLU B 252 14.34 -2.12 1.75
CA GLU B 252 13.77 -1.07 2.62
C GLU B 252 14.85 -0.64 3.61
N PHE B 253 15.11 0.66 3.65
CA PHE B 253 16.17 1.25 4.49
C PHE B 253 15.52 2.15 5.53
N VAL B 254 15.56 1.72 6.79
CA VAL B 254 14.86 2.40 7.91
C VAL B 254 15.89 3.24 8.68
N VAL B 255 15.54 4.51 8.93
CA VAL B 255 16.38 5.42 9.74
C VAL B 255 15.43 6.11 10.72
N ASP B 256 15.29 5.56 11.93
CA ASP B 256 14.11 5.90 12.78
C ASP B 256 14.40 5.98 14.28
N GLY B 257 15.65 6.03 14.72
CA GLY B 257 15.96 6.16 16.15
C GLY B 257 15.46 5.00 17.00
N GLY B 258 15.17 3.85 16.38
CA GLY B 258 14.72 2.64 17.06
C GLY B 258 13.20 2.49 17.08
N TYR B 259 12.46 3.39 16.45
CA TYR B 259 10.96 3.41 16.52
C TYR B 259 10.40 2.01 16.22
N THR B 260 10.80 1.39 15.12
CA THR B 260 10.20 0.11 14.65
C THR B 260 10.85 -1.11 15.32
N ALA B 261 11.96 -0.95 16.02
CA ALA B 261 12.69 -2.07 16.65
C ALA B 261 11.97 -2.55 17.91
N GLN B 262 11.10 -1.73 18.50
CA GLN B 262 10.29 -2.14 19.70
C GLN B 262 8.84 -2.34 19.31
C1 PEG C . -36.00 -10.65 6.63
O1 PEG C . -36.07 -9.56 7.54
C2 PEG C . -35.79 -11.96 7.33
O2 PEG C . -35.34 -12.94 6.39
C3 PEG C . -36.27 -13.13 5.33
C4 PEG C . -35.81 -14.18 4.40
O4 PEG C . -36.51 -14.10 3.18
O1 PG4 D . -8.87 -0.07 -17.65
C1 PG4 D . -8.67 -1.31 -18.33
C2 PG4 D . -8.86 -2.48 -17.43
O2 PG4 D . -8.32 -3.66 -18.00
C3 PG4 D . -7.94 -4.64 -17.03
C4 PG4 D . -9.11 -5.00 -16.18
O3 PG4 D . -8.85 -6.19 -15.45
C5 PG4 D . -9.82 -6.49 -14.45
C6 PG4 D . -11.21 -6.34 -15.00
O4 PG4 D . -12.17 -6.93 -14.12
C7 PG4 D . -13.20 -6.05 -13.71
C8 PG4 D . -14.19 -5.82 -14.82
O5 PG4 D . -14.79 -4.53 -14.75
C1 EDO E . -2.07 -12.73 -7.81
O1 EDO E . -2.77 -12.63 -9.05
C2 EDO E . -2.73 -13.67 -6.88
O2 EDO E . -1.92 -14.11 -5.81
C1 EDO F . -13.97 -7.35 18.68
O1 EDO F . -13.89 -8.66 18.17
C2 EDO F . -13.30 -7.17 20.02
O2 EDO F . -12.13 -6.36 20.01
MG MG G . 10.98 -14.96 -1.40
CL CL H . -20.86 -12.09 -9.33
C1 PEG I . 22.01 27.19 -16.74
O1 PEG I . 20.94 28.12 -16.80
C2 PEG I . 22.25 26.54 -18.06
O2 PEG I . 22.15 25.13 -17.95
C3 PEG I . 22.33 24.46 -19.20
C4 PEG I . 21.21 24.82 -20.14
O4 PEG I . 20.94 23.82 -21.11
C1 PEG J . 14.46 16.04 19.44
O1 PEG J . 15.59 15.93 18.58
C2 PEG J . 14.76 15.77 20.86
O2 PEG J . 13.87 16.48 21.70
C3 PEG J . 14.45 16.72 22.99
C4 PEG J . 14.59 15.43 23.71
O4 PEG J . 15.91 14.94 23.66
C1 PEG K . 5.08 14.13 8.25
O1 PEG K . 4.20 14.39 7.18
C2 PEG K . 5.15 12.67 8.58
O2 PEG K . 3.87 12.21 9.00
C3 PEG K . 3.82 11.76 10.35
C4 PEG K . 4.30 10.33 10.45
O4 PEG K . 5.70 10.19 10.22
C1 EDO L . 34.40 8.03 -1.11
O1 EDO L . 34.21 9.23 -1.84
C2 EDO L . 33.44 7.86 0.01
O2 EDO L . 32.74 6.61 0.03
C1 EDO M . 12.29 19.32 22.67
O1 EDO M . 11.93 17.96 22.84
C2 EDO M . 11.16 20.25 22.96
O2 EDO M . 11.28 21.51 22.33
C1 PGE N . 21.21 0.39 -11.83
O1 PGE N . 21.86 1.14 -10.81
C2 PGE N . 21.86 -0.96 -12.12
O2 PGE N . 21.13 -2.08 -11.59
C3 PGE N . 19.73 -2.05 -11.85
C4 PGE N . 19.13 -3.42 -11.99
O4 PGE N . 21.08 -4.47 -15.46
C6 PGE N . 20.53 -4.38 -14.16
C5 PGE N . 19.03 -4.48 -14.13
O3 PGE N . 18.47 -3.50 -13.24
C1 EDO O . 26.83 28.19 -2.39
O1 EDO O . 25.49 28.50 -2.06
C2 EDO O . 27.30 28.87 -3.62
O2 EDO O . 26.41 28.70 -4.72
C1 EDO P . 27.35 19.17 -8.10
O1 EDO P . 28.42 19.94 -7.55
C2 EDO P . 26.34 20.03 -8.67
O2 EDO P . 26.18 19.81 -10.05
C1 EDO Q . 19.91 15.14 18.97
O1 EDO Q . 21.06 14.31 19.03
C2 EDO Q . 19.46 15.63 20.29
O2 EDO Q . 18.34 16.50 20.23
#